data_3LW7
#
_entry.id   3LW7
#
_cell.length_a   65.876
_cell.length_b   65.876
_cell.length_c   206.239
_cell.angle_alpha   90.00
_cell.angle_beta   90.00
_cell.angle_gamma   90.00
#
_symmetry.space_group_name_H-M   'P 43 21 2'
#
loop_
_entity.id
_entity.type
_entity.pdbx_description
1 polymer 'Adenylate kinase related protein (AdkA-like)'
2 non-polymer 'ADENOSINE MONOPHOSPHATE'
3 water water
#
_entity_poly.entity_id   1
_entity_poly.type   'polypeptide(L)'
_entity_poly.pdbx_seq_one_letter_code
;IKVILITGMPGSGKSEFAKLLKERGAKVIVMSDVVRKRYSIEAKPGERLMDFAKRLREIYGDGVVARLCVEELGTSNHDL
VVFDGVRSLAEVEEFKRLLGDSVYIVAVHSPPKIRYKRMIERLRSDDSKEISELIRRDREELKLGIGEVIAMADYIITND
SNYEEFKRRCEEVTDRVLK
;
_entity_poly.pdbx_strand_id   A,B
#
# COMPACT_ATOMS: atom_id res chain seq x y z
N LYS A 2 5.16 12.75 -20.10
CA LYS A 2 5.44 11.58 -19.21
C LYS A 2 5.83 11.99 -17.79
N VAL A 3 5.03 11.54 -16.82
CA VAL A 3 5.17 11.97 -15.42
C VAL A 3 5.23 10.79 -14.47
N ILE A 4 6.17 10.86 -13.54
CA ILE A 4 6.31 9.82 -12.53
C ILE A 4 6.05 10.44 -11.18
N LEU A 5 5.08 9.88 -10.46
CA LEU A 5 4.83 10.28 -9.09
C LEU A 5 5.46 9.21 -8.17
N ILE A 6 6.39 9.65 -7.33
CA ILE A 6 7.09 8.78 -6.41
C ILE A 6 6.47 8.90 -5.03
N THR A 7 6.13 7.75 -4.45
CA THR A 7 5.55 7.74 -3.13
C THR A 7 6.31 6.71 -2.29
N GLY A 8 6.16 6.80 -0.98
CA GLY A 8 6.81 5.85 -0.09
C GLY A 8 6.78 6.33 1.34
N MET A 9 6.81 5.38 2.27
CA MET A 9 6.78 5.68 3.69
C MET A 9 8.08 6.34 4.13
N PRO A 10 8.08 7.03 5.28
CA PRO A 10 9.31 7.66 5.78
C PRO A 10 10.44 6.64 5.96
N GLY A 11 11.63 6.97 5.47
CA GLY A 11 12.76 6.08 5.57
C GLY A 11 12.80 4.99 4.50
N SER A 12 11.97 5.10 3.46
CA SER A 12 11.91 4.09 2.40
C SER A 12 13.06 4.24 1.41
N GLY A 13 13.74 5.39 1.43
CA GLY A 13 14.80 5.66 0.46
C GLY A 13 14.28 6.11 -0.89
N LYS A 14 13.03 6.54 -0.96
CA LYS A 14 12.45 6.99 -2.24
C LYS A 14 13.23 8.12 -2.93
N SER A 15 13.94 8.95 -2.18
CA SER A 15 14.67 10.05 -2.79
C SER A 15 15.86 9.53 -3.61
N GLU A 16 16.36 8.35 -3.24
CA GLU A 16 17.41 7.68 -4.03
C GLU A 16 16.90 7.36 -5.44
N PHE A 17 15.63 7.02 -5.56
CA PHE A 17 15.05 6.80 -6.88
C PHE A 17 14.93 8.16 -7.60
N ALA A 18 14.54 9.21 -6.85
CA ALA A 18 14.48 10.56 -7.40
C ALA A 18 15.84 10.98 -7.95
N LYS A 19 16.89 10.72 -7.18
CA LYS A 19 18.27 11.03 -7.58
C LYS A 19 18.66 10.34 -8.90
N LEU A 20 18.33 9.04 -9.02
CA LEU A 20 18.63 8.28 -10.23
C LEU A 20 17.95 8.85 -11.50
N LEU A 21 16.79 9.45 -11.31
CA LEU A 21 16.07 10.13 -12.39
C LEU A 21 16.64 11.51 -12.77
N LYS A 22 17.08 12.28 -11.77
CA LYS A 22 17.84 13.51 -12.00
C LYS A 22 19.02 13.24 -12.94
N GLU A 23 19.75 12.14 -12.69
CA GLU A 23 20.93 11.74 -13.48
C GLU A 23 20.60 11.34 -14.93
N ARG A 24 19.40 10.79 -15.13
CA ARG A 24 18.92 10.42 -16.47
C ARG A 24 18.34 11.61 -17.24
N GLY A 25 18.35 12.78 -16.60
CA GLY A 25 17.96 14.03 -17.27
C GLY A 25 16.56 14.51 -16.99
N ALA A 26 15.90 13.90 -16.01
CA ALA A 26 14.53 14.30 -15.67
C ALA A 26 14.46 15.58 -14.83
N LYS A 27 13.37 16.33 -15.02
CA LYS A 27 13.04 17.44 -14.14
C LYS A 27 12.41 16.82 -12.88
N VAL A 28 13.05 17.02 -11.73
CA VAL A 28 12.57 16.44 -10.49
C VAL A 28 12.18 17.55 -9.55
N ILE A 29 10.95 17.46 -9.03
CA ILE A 29 10.40 18.44 -8.12
C ILE A 29 10.03 17.71 -6.82
N VAL A 30 10.66 18.14 -5.73
CA VAL A 30 10.43 17.57 -4.41
C VAL A 30 9.23 18.30 -3.83
N MET A 31 8.17 17.56 -3.56
CA MET A 31 6.91 18.17 -3.11
C MET A 31 7.07 18.93 -1.80
N SER A 32 7.92 18.44 -0.90
CA SER A 32 8.15 19.13 0.36
C SER A 32 8.94 20.44 0.20
N ASP A 33 9.84 20.50 -0.79
CA ASP A 33 10.56 21.73 -1.15
C ASP A 33 9.57 22.80 -1.59
N VAL A 34 8.55 22.36 -2.34
CA VAL A 34 7.46 23.22 -2.81
C VAL A 34 6.63 23.79 -1.65
N VAL A 35 6.18 22.93 -0.74
CA VAL A 35 5.50 23.38 0.48
C VAL A 35 6.38 24.32 1.32
N ARG A 36 7.67 24.00 1.40
CA ARG A 36 8.64 24.85 2.11
C ARG A 36 8.81 26.24 1.50
N LYS A 37 8.74 26.35 0.17
CA LYS A 37 8.78 27.67 -0.44
C LYS A 37 7.57 28.50 0.01
N ARG A 38 6.40 27.88 -0.04
CA ARG A 38 5.19 28.49 0.47
C ARG A 38 5.29 28.82 1.95
N TYR A 39 5.96 27.97 2.71
CA TYR A 39 6.10 28.14 4.15
C TYR A 39 6.86 29.43 4.50
N SER A 40 7.99 29.64 3.85
CA SER A 40 8.81 30.83 4.06
C SER A 40 8.05 32.12 3.77
N ILE A 41 7.06 32.00 2.88
CA ILE A 41 6.25 33.13 2.45
C ILE A 41 5.02 33.35 3.37
N GLU A 42 4.39 32.26 3.82
CA GLU A 42 3.04 32.36 4.40
C GLU A 42 2.86 31.68 5.76
N ALA A 43 3.96 31.26 6.38
CA ALA A 43 3.92 30.79 7.76
C ALA A 43 3.76 31.97 8.71
N GLU A 47 4.70 27.72 14.19
CA GLU A 47 4.36 27.23 12.84
C GLU A 47 5.41 26.24 12.35
N ARG A 48 5.17 24.94 12.60
CA ARG A 48 6.01 23.88 12.03
C ARG A 48 5.54 23.59 10.59
N LEU A 49 6.37 22.89 9.82
CA LEU A 49 6.07 22.60 8.42
C LEU A 49 4.83 21.74 8.23
N MET A 50 4.63 20.75 9.10
CA MET A 50 3.45 19.88 8.97
C MET A 50 2.16 20.63 9.29
N ASP A 51 2.24 21.56 10.23
CA ASP A 51 1.10 22.40 10.63
C ASP A 51 0.59 23.30 9.50
N PHE A 52 1.54 23.87 8.74
CA PHE A 52 1.24 24.79 7.65
C PHE A 52 0.64 24.03 6.47
N ALA A 53 1.17 22.84 6.19
CA ALA A 53 0.63 21.94 5.17
C ALA A 53 -0.79 21.48 5.47
N LYS A 54 -1.10 21.27 6.75
CA LYS A 54 -2.47 20.94 7.17
C LYS A 54 -3.46 22.08 6.84
N ARG A 55 -3.06 23.31 7.15
CA ARG A 55 -3.88 24.50 6.92
C ARG A 55 -4.21 24.71 5.43
N LEU A 56 -3.20 24.46 4.58
CA LEU A 56 -3.33 24.50 3.12
C LEU A 56 -4.40 23.54 2.60
N ARG A 57 -4.38 22.30 3.09
N ARG A 57 -4.36 22.29 3.08
CA ARG A 57 -5.35 21.28 2.68
CA ARG A 57 -5.35 21.28 2.70
C ARG A 57 -6.77 21.55 3.19
C ARG A 57 -6.76 21.72 3.11
N GLU A 58 -6.89 22.25 4.32
CA GLU A 58 -8.19 22.63 4.85
C GLU A 58 -8.79 23.80 4.06
N ILE A 59 -7.98 24.84 3.83
CA ILE A 59 -8.41 26.02 3.06
C ILE A 59 -8.65 25.71 1.58
N TYR A 60 -7.72 25.01 0.95
CA TYR A 60 -7.75 24.86 -0.52
C TYR A 60 -8.16 23.49 -1.03
N GLY A 61 -8.16 22.49 -0.16
CA GLY A 61 -8.58 21.14 -0.55
C GLY A 61 -7.40 20.19 -0.52
N ASP A 62 -7.69 18.90 -0.54
CA ASP A 62 -6.66 17.88 -0.36
C ASP A 62 -5.64 17.77 -1.50
N GLY A 63 -5.98 18.28 -2.69
CA GLY A 63 -5.06 18.22 -3.83
C GLY A 63 -4.11 19.41 -3.96
N VAL A 64 -4.22 20.34 -3.05
CA VAL A 64 -3.45 21.56 -3.12
C VAL A 64 -1.96 21.44 -3.43
N VAL A 65 -1.25 20.53 -2.80
CA VAL A 65 0.16 20.44 -3.05
C VAL A 65 0.47 20.05 -4.49
N ALA A 66 -0.38 19.26 -5.10
CA ALA A 66 -0.25 18.94 -6.49
C ALA A 66 -0.42 20.16 -7.38
N ARG A 67 -1.41 20.98 -7.12
CA ARG A 67 -1.58 22.25 -7.85
C ARG A 67 -0.34 23.14 -7.72
N LEU A 68 0.16 23.26 -6.50
CA LEU A 68 1.38 24.04 -6.23
C LEU A 68 2.59 23.53 -7.00
N CYS A 69 2.73 22.21 -7.09
CA CYS A 69 3.86 21.60 -7.76
C CYS A 69 3.78 21.81 -9.29
N VAL A 70 2.55 21.79 -9.83
CA VAL A 70 2.35 22.11 -11.23
C VAL A 70 2.69 23.57 -11.56
N GLU A 71 2.35 24.50 -10.65
CA GLU A 71 2.80 25.90 -10.76
C GLU A 71 4.32 26.01 -10.80
N GLU A 72 4.99 25.21 -9.98
CA GLU A 72 6.45 25.19 -9.89
C GLU A 72 7.08 24.65 -11.18
N LEU A 73 6.41 23.68 -11.79
CA LEU A 73 6.82 23.10 -13.04
C LEU A 73 6.86 24.17 -14.13
N GLY A 74 5.78 24.95 -14.24
CA GLY A 74 5.66 26.00 -15.26
C GLY A 74 5.32 25.48 -16.65
N THR A 75 5.34 26.38 -17.63
CA THR A 75 5.04 26.02 -19.03
C THR A 75 6.32 25.73 -19.81
N SER A 76 6.69 24.45 -19.84
CA SER A 76 7.85 24.03 -20.61
C SER A 76 7.74 22.55 -20.97
N ASN A 77 8.35 22.18 -22.10
CA ASN A 77 8.41 20.79 -22.54
C ASN A 77 9.50 20.02 -21.79
N HIS A 78 9.16 18.85 -21.29
CA HIS A 78 10.13 17.96 -20.67
C HIS A 78 9.83 16.56 -21.12
N ASP A 79 10.88 15.80 -21.42
CA ASP A 79 10.75 14.37 -21.72
C ASP A 79 10.21 13.60 -20.51
N LEU A 80 10.66 14.01 -19.32
CA LEU A 80 10.31 13.30 -18.10
C LEU A 80 10.22 14.26 -16.93
N VAL A 81 9.05 14.29 -16.29
CA VAL A 81 8.86 15.04 -15.06
C VAL A 81 8.63 14.08 -13.87
N VAL A 82 9.26 14.38 -12.74
CA VAL A 82 9.14 13.56 -11.55
C VAL A 82 8.72 14.40 -10.34
N PHE A 83 7.68 13.94 -9.65
CA PHE A 83 7.25 14.53 -8.40
C PHE A 83 7.51 13.56 -7.27
N ASP A 84 8.43 13.95 -6.39
CA ASP A 84 8.91 13.13 -5.30
C ASP A 84 8.12 13.46 -4.02
N GLY A 85 7.31 12.52 -3.56
CA GLY A 85 6.61 12.68 -2.29
C GLY A 85 5.09 12.79 -2.29
N VAL A 86 4.43 12.11 -3.22
CA VAL A 86 2.97 12.09 -3.25
C VAL A 86 2.38 11.37 -2.03
N ARG A 87 1.38 11.98 -1.40
CA ARG A 87 0.82 11.47 -0.15
C ARG A 87 -0.64 10.98 -0.25
N SER A 88 -1.37 11.38 -1.30
CA SER A 88 -2.79 11.01 -1.39
C SER A 88 -3.28 10.87 -2.82
N LEU A 89 -4.42 10.18 -3.00
CA LEU A 89 -5.04 9.99 -4.29
C LEU A 89 -5.69 11.28 -4.80
N ALA A 90 -6.06 12.18 -3.86
CA ALA A 90 -6.49 13.52 -4.21
C ALA A 90 -5.37 14.24 -4.95
N GLU A 91 -4.13 14.07 -4.52
CA GLU A 91 -3.00 14.68 -5.24
C GLU A 91 -2.81 14.04 -6.61
N VAL A 92 -2.80 12.71 -6.67
CA VAL A 92 -2.66 11.96 -7.93
C VAL A 92 -3.70 12.45 -8.94
N GLU A 93 -4.92 12.60 -8.48
CA GLU A 93 -6.03 13.03 -9.31
C GLU A 93 -5.84 14.45 -9.88
N GLU A 94 -5.27 15.36 -9.08
CA GLU A 94 -4.94 16.68 -9.58
C GLU A 94 -3.80 16.65 -10.60
N PHE A 95 -2.78 15.83 -10.36
CA PHE A 95 -1.71 15.68 -11.37
C PHE A 95 -2.25 15.16 -12.68
N LYS A 96 -3.18 14.20 -12.62
CA LYS A 96 -3.83 13.69 -13.84
C LYS A 96 -4.69 14.72 -14.56
N ARG A 97 -5.45 15.54 -13.82
CA ARG A 97 -6.30 16.55 -14.44
C ARG A 97 -5.43 17.59 -15.15
N LEU A 98 -4.35 17.99 -14.47
CA LEU A 98 -3.44 19.01 -14.99
C LEU A 98 -2.48 18.52 -16.08
N LEU A 99 -1.98 17.30 -15.97
CA LEU A 99 -0.85 16.90 -16.80
C LEU A 99 -1.19 15.84 -17.85
N GLY A 100 -2.37 15.23 -17.72
CA GLY A 100 -2.88 14.30 -18.73
C GLY A 100 -2.83 12.84 -18.35
N ASP A 101 -2.69 11.99 -19.37
CA ASP A 101 -2.91 10.57 -19.23
C ASP A 101 -1.64 9.74 -19.12
N SER A 102 -0.48 10.39 -19.11
CA SER A 102 0.78 9.65 -19.04
C SER A 102 1.45 9.87 -17.68
N VAL A 103 0.64 9.73 -16.63
CA VAL A 103 1.06 9.86 -15.24
C VAL A 103 1.12 8.49 -14.54
N TYR A 104 2.25 8.20 -13.89
CA TYR A 104 2.47 6.91 -13.28
C TYR A 104 2.87 7.05 -11.83
N ILE A 105 2.35 6.15 -11.00
CA ILE A 105 2.70 6.12 -9.61
C ILE A 105 3.78 5.05 -9.41
N VAL A 106 4.91 5.43 -8.82
CA VAL A 106 5.91 4.42 -8.45
C VAL A 106 6.09 4.46 -6.94
N ALA A 107 5.74 3.38 -6.26
CA ALA A 107 5.97 3.28 -4.81
C ALA A 107 7.30 2.59 -4.51
N VAL A 108 8.02 3.12 -3.54
CA VAL A 108 9.25 2.50 -3.06
C VAL A 108 8.90 1.90 -1.70
N HIS A 109 8.98 0.58 -1.61
CA HIS A 109 8.62 -0.11 -0.38
C HIS A 109 9.82 -0.57 0.46
N SER A 110 9.72 -0.32 1.77
CA SER A 110 10.55 -1.02 2.75
C SER A 110 9.67 -1.38 3.95
N PRO A 111 9.90 -2.58 4.52
CA PRO A 111 9.12 -2.98 5.70
C PRO A 111 9.41 -2.06 6.87
N PRO A 112 8.49 -1.98 7.84
CA PRO A 112 8.59 -0.98 8.90
C PRO A 112 9.91 -1.03 9.69
N LYS A 113 10.39 -2.22 10.05
CA LYS A 113 11.60 -2.33 10.89
C LYS A 113 12.86 -1.86 10.18
N ILE A 114 12.95 -2.14 8.88
CA ILE A 114 14.06 -1.63 8.05
C ILE A 114 14.05 -0.09 8.00
N ARG A 115 12.89 0.50 7.70
CA ARG A 115 12.76 1.96 7.68
C ARG A 115 13.12 2.58 9.03
N TYR A 116 12.67 1.95 10.12
CA TYR A 116 12.89 2.48 11.45
C TYR A 116 14.37 2.52 11.78
N LYS A 117 15.07 1.44 11.44
CA LYS A 117 16.50 1.32 11.63
C LYS A 117 17.28 2.37 10.83
N ARG A 118 16.92 2.59 9.57
CA ARG A 118 17.56 3.64 8.76
C ARG A 118 17.42 5.02 9.38
N MET A 119 16.24 5.30 9.92
CA MET A 119 15.93 6.61 10.48
C MET A 119 16.67 6.77 11.82
N ILE A 120 16.64 5.73 12.65
CA ILE A 120 17.34 5.75 13.94
C ILE A 120 18.85 5.90 13.74
N GLU A 121 19.35 5.38 12.63
CA GLU A 121 20.78 5.47 12.34
C GLU A 121 21.24 6.80 11.72
N ARG A 122 20.31 7.72 11.45
CA ARG A 122 20.66 9.06 10.94
C ARG A 122 21.56 9.84 11.88
N LEU A 123 22.46 10.63 11.29
CA LEU A 123 23.42 11.43 12.05
C LEU A 123 22.81 12.66 12.75
N SER A 128 12.33 12.96 17.21
CA SER A 128 12.55 11.83 18.10
C SER A 128 12.94 10.58 17.34
N LYS A 129 13.71 9.72 18.01
CA LYS A 129 14.11 8.42 17.47
C LYS A 129 13.53 7.26 18.28
N GLU A 130 12.68 7.59 19.27
CA GLU A 130 11.93 6.57 19.99
C GLU A 130 10.99 5.81 19.04
N ILE A 131 10.97 4.48 19.19
CA ILE A 131 10.18 3.61 18.33
C ILE A 131 8.69 3.95 18.32
N SER A 132 8.15 4.36 19.47
CA SER A 132 6.75 4.76 19.59
C SER A 132 6.45 5.97 18.72
N GLU A 133 7.39 6.91 18.68
CA GLU A 133 7.25 8.13 17.89
C GLU A 133 7.34 7.89 16.37
N LEU A 134 8.19 6.93 15.97
CA LEU A 134 8.30 6.57 14.56
C LEU A 134 7.03 5.85 14.10
N ILE A 135 6.46 5.06 15.01
CA ILE A 135 5.22 4.36 14.77
C ILE A 135 4.04 5.35 14.62
N ARG A 136 3.97 6.32 15.52
CA ARG A 136 2.91 7.35 15.47
C ARG A 136 3.00 8.17 14.17
N ARG A 137 4.23 8.32 13.67
CA ARG A 137 4.48 9.11 12.48
C ARG A 137 4.10 8.36 11.19
N ASP A 138 4.27 7.03 11.16
CA ASP A 138 3.79 6.24 10.05
C ASP A 138 2.27 6.42 10.01
N ARG A 139 1.64 6.32 11.19
CA ARG A 139 0.20 6.42 11.32
C ARG A 139 -0.36 7.77 10.85
N GLU A 140 0.36 8.86 11.11
CA GLU A 140 -0.06 10.17 10.62
C GLU A 140 0.02 10.22 9.08
N GLU A 141 1.08 9.61 8.54
CA GLU A 141 1.29 9.58 7.09
C GLU A 141 0.20 8.75 6.40
N LEU A 142 -0.18 7.63 7.03
CA LEU A 142 -1.27 6.79 6.53
C LEU A 142 -2.62 7.51 6.52
N LYS A 143 -2.87 8.30 7.57
CA LYS A 143 -4.11 9.06 7.68
C LYS A 143 -4.26 10.13 6.57
N LEU A 144 -3.13 10.64 6.06
CA LEU A 144 -3.11 11.54 4.87
C LEU A 144 -3.46 10.81 3.58
N GLY A 145 -3.32 9.48 3.59
CA GLY A 145 -3.81 8.65 2.49
C GLY A 145 -2.74 7.95 1.68
N ILE A 146 -1.51 7.95 2.18
CA ILE A 146 -0.39 7.32 1.47
C ILE A 146 -0.56 5.80 1.17
N GLY A 147 -1.26 5.06 2.03
CA GLY A 147 -1.48 3.63 1.79
C GLY A 147 -2.33 3.41 0.53
N GLU A 148 -3.28 4.32 0.31
CA GLU A 148 -4.12 4.29 -0.88
C GLU A 148 -3.33 4.53 -2.16
N VAL A 149 -2.34 5.42 -2.12
CA VAL A 149 -1.48 5.65 -3.28
C VAL A 149 -0.62 4.41 -3.58
N ILE A 150 0.01 3.86 -2.54
CA ILE A 150 0.79 2.63 -2.68
C ILE A 150 -0.04 1.46 -3.26
N ALA A 151 -1.24 1.26 -2.72
CA ALA A 151 -2.10 0.15 -3.16
C ALA A 151 -2.55 0.29 -4.62
N MET A 152 -2.58 1.52 -5.12
CA MET A 152 -3.01 1.78 -6.50
C MET A 152 -1.85 2.09 -7.45
N ALA A 153 -0.63 1.77 -7.03
CA ALA A 153 0.58 2.08 -7.78
C ALA A 153 0.69 1.31 -9.07
N ASP A 154 1.29 1.95 -10.07
CA ASP A 154 1.67 1.25 -11.30
C ASP A 154 2.85 0.30 -11.08
N TYR A 155 3.76 0.68 -10.19
CA TYR A 155 4.96 -0.09 -9.91
C TYR A 155 5.32 0.06 -8.45
N ILE A 156 5.70 -1.05 -7.84
CA ILE A 156 6.22 -1.03 -6.48
C ILE A 156 7.63 -1.60 -6.51
N ILE A 157 8.57 -0.80 -6.04
CA ILE A 157 9.97 -1.18 -5.95
C ILE A 157 10.32 -1.43 -4.48
N THR A 158 10.84 -2.62 -4.20
CA THR A 158 11.27 -2.95 -2.87
C THR A 158 12.73 -2.53 -2.67
N ASN A 159 12.98 -1.81 -1.59
CA ASN A 159 14.31 -1.41 -1.18
C ASN A 159 14.59 -2.08 0.17
N ASP A 160 15.05 -3.33 0.14
CA ASP A 160 15.19 -4.10 1.36
C ASP A 160 16.45 -4.88 1.40
N SER A 161 17.32 -4.64 0.42
CA SER A 161 18.64 -5.28 0.38
C SER A 161 19.76 -4.23 0.31
N ASN A 162 20.63 -4.33 -0.70
CA ASN A 162 21.69 -3.36 -0.90
C ASN A 162 21.34 -2.28 -1.93
N TYR A 163 22.22 -1.29 -2.05
CA TYR A 163 22.08 -0.20 -3.01
C TYR A 163 22.07 -0.68 -4.47
N GLU A 164 22.96 -1.61 -4.81
CA GLU A 164 23.11 -2.07 -6.20
C GLU A 164 21.89 -2.84 -6.72
N GLU A 165 21.26 -3.66 -5.88
CA GLU A 165 20.01 -4.32 -6.25
C GLU A 165 18.87 -3.31 -6.42
N PHE A 166 18.83 -2.29 -5.56
CA PHE A 166 17.83 -1.22 -5.61
C PHE A 166 17.95 -0.43 -6.91
N LYS A 167 19.17 0.00 -7.23
CA LYS A 167 19.47 0.72 -8.46
C LYS A 167 19.05 -0.04 -9.74
N ARG A 168 19.26 -1.36 -9.76
CA ARG A 168 18.83 -2.17 -10.89
C ARG A 168 17.31 -2.20 -11.00
N ARG A 169 16.63 -2.40 -9.87
CA ARG A 169 15.15 -2.33 -9.82
C ARG A 169 14.61 -0.97 -10.27
N CYS A 170 15.22 0.11 -9.80
CA CYS A 170 14.87 1.46 -10.27
C CYS A 170 15.05 1.62 -11.78
N GLU A 171 16.18 1.15 -12.29
CA GLU A 171 16.47 1.25 -13.71
C GLU A 171 15.45 0.52 -14.58
N GLU A 172 15.05 -0.69 -14.16
CA GLU A 172 14.12 -1.48 -14.96
C GLU A 172 12.69 -0.92 -14.93
N VAL A 173 12.27 -0.38 -13.81
CA VAL A 173 10.98 0.30 -13.76
C VAL A 173 10.99 1.51 -14.71
N THR A 174 12.03 2.34 -14.59
CA THR A 174 12.20 3.50 -15.47
C THR A 174 12.09 3.08 -16.95
N ASP A 175 12.74 1.98 -17.33
CA ASP A 175 12.68 1.47 -18.69
C ASP A 175 11.25 1.08 -19.11
N ARG A 176 10.50 0.47 -18.19
CA ARG A 176 9.12 0.10 -18.47
C ARG A 176 8.21 1.32 -18.63
N VAL A 177 8.48 2.37 -17.84
CA VAL A 177 7.68 3.59 -17.87
C VAL A 177 7.91 4.39 -19.15
N LEU A 178 9.16 4.46 -19.59
CA LEU A 178 9.57 5.34 -20.71
C LEU A 178 9.00 4.93 -22.07
N ILE B 1 3.59 -20.32 16.88
CA ILE B 1 3.37 -20.72 15.46
C ILE B 1 3.47 -19.53 14.50
N LYS B 2 4.09 -19.77 13.35
CA LYS B 2 4.16 -18.77 12.28
C LYS B 2 2.77 -18.48 11.70
N VAL B 3 2.47 -17.19 11.53
CA VAL B 3 1.22 -16.72 10.95
C VAL B 3 1.50 -15.87 9.73
N ILE B 4 1.00 -16.31 8.58
CA ILE B 4 1.16 -15.57 7.33
C ILE B 4 -0.16 -14.87 6.97
N LEU B 5 -0.11 -13.54 6.89
CA LEU B 5 -1.29 -12.78 6.52
C LEU B 5 -1.12 -12.35 5.08
N ILE B 6 -2.10 -12.67 4.26
CA ILE B 6 -2.06 -12.33 2.86
C ILE B 6 -3.04 -11.19 2.59
N THR B 7 -2.54 -10.14 1.97
CA THR B 7 -3.41 -9.03 1.62
C THR B 7 -3.26 -8.71 0.13
N GLY B 8 -4.24 -8.04 -0.45
CA GLY B 8 -4.15 -7.62 -1.87
C GLY B 8 -5.46 -7.05 -2.34
N MET B 9 -5.42 -6.23 -3.37
CA MET B 9 -6.65 -5.67 -3.96
C MET B 9 -7.41 -6.73 -4.78
N PRO B 10 -8.71 -6.48 -5.07
CA PRO B 10 -9.50 -7.41 -5.91
C PRO B 10 -8.87 -7.63 -7.28
N GLY B 11 -8.77 -8.89 -7.69
CA GLY B 11 -8.12 -9.27 -8.94
C GLY B 11 -6.61 -9.23 -8.94
N SER B 12 -5.99 -9.15 -7.77
CA SER B 12 -4.54 -9.03 -7.64
C SER B 12 -3.82 -10.37 -7.79
N GLY B 13 -4.53 -11.46 -7.55
CA GLY B 13 -3.93 -12.81 -7.54
C GLY B 13 -3.43 -13.22 -6.16
N LYS B 14 -3.89 -12.52 -5.11
CA LYS B 14 -3.59 -12.93 -3.74
C LYS B 14 -4.05 -14.38 -3.47
N SER B 15 -5.17 -14.78 -4.07
CA SER B 15 -5.71 -16.14 -3.96
CA SER B 15 -5.65 -16.14 -3.85
C SER B 15 -4.78 -17.18 -4.56
N GLU B 16 -4.01 -16.78 -5.57
CA GLU B 16 -3.03 -17.67 -6.18
C GLU B 16 -1.85 -17.96 -5.23
N PHE B 17 -1.45 -16.96 -4.44
CA PHE B 17 -0.42 -17.13 -3.43
C PHE B 17 -0.95 -18.05 -2.34
N ALA B 18 -2.20 -17.85 -1.94
CA ALA B 18 -2.86 -18.73 -0.98
C ALA B 18 -2.89 -20.18 -1.50
N LYS B 19 -3.26 -20.33 -2.76
CA LYS B 19 -3.33 -21.61 -3.44
C LYS B 19 -2.00 -22.35 -3.39
N LEU B 20 -0.94 -21.63 -3.72
CA LEU B 20 0.41 -22.18 -3.66
C LEU B 20 0.78 -22.71 -2.27
N LEU B 21 0.39 -21.98 -1.23
CA LEU B 21 0.69 -22.36 0.15
C LEU B 21 -0.14 -23.58 0.55
N LYS B 22 -1.43 -23.54 0.21
CA LYS B 22 -2.35 -24.65 0.36
C LYS B 22 -1.78 -25.90 -0.29
N GLU B 23 -1.21 -25.76 -1.48
CA GLU B 23 -0.64 -26.89 -2.23
C GLU B 23 0.63 -27.46 -1.63
N ARG B 24 1.34 -26.64 -0.86
CA ARG B 24 2.53 -27.08 -0.14
C ARG B 24 2.18 -27.88 1.11
N GLY B 25 0.97 -27.72 1.63
CA GLY B 25 0.50 -28.45 2.81
C GLY B 25 0.08 -27.55 3.96
N ALA B 26 0.13 -26.24 3.75
CA ALA B 26 -0.26 -25.26 4.78
C ALA B 26 -1.77 -25.21 5.01
N LYS B 27 -2.18 -25.02 6.27
CA LYS B 27 -3.57 -24.68 6.64
C LYS B 27 -3.84 -23.23 6.25
N VAL B 28 -4.75 -23.05 5.29
CA VAL B 28 -5.12 -21.73 4.79
C VAL B 28 -6.57 -21.49 5.18
N ILE B 29 -6.80 -20.41 5.93
CA ILE B 29 -8.15 -20.00 6.28
C ILE B 29 -8.54 -18.78 5.41
N VAL B 30 -9.62 -18.89 4.65
CA VAL B 30 -10.03 -17.78 3.78
C VAL B 30 -10.95 -16.85 4.56
N MET B 31 -10.53 -15.60 4.72
CA MET B 31 -11.23 -14.67 5.58
C MET B 31 -12.67 -14.40 5.10
N SER B 32 -12.91 -14.27 3.81
CA SER B 32 -14.29 -14.14 3.34
C SER B 32 -15.18 -15.39 3.55
N ASP B 33 -14.60 -16.59 3.53
CA ASP B 33 -15.35 -17.82 3.87
C ASP B 33 -15.84 -17.79 5.33
N VAL B 34 -15.00 -17.25 6.22
CA VAL B 34 -15.35 -17.09 7.62
C VAL B 34 -16.46 -16.02 7.80
N VAL B 35 -16.41 -14.98 6.97
CA VAL B 35 -17.46 -13.97 6.96
C VAL B 35 -18.79 -14.56 6.49
N ARG B 36 -18.75 -15.39 5.44
CA ARG B 36 -19.96 -16.06 4.95
C ARG B 36 -20.63 -16.99 5.97
N LYS B 37 -19.83 -17.67 6.81
CA LYS B 37 -20.37 -18.50 7.89
C LYS B 37 -21.14 -17.62 8.87
N ARG B 38 -20.59 -16.47 9.21
CA ARG B 38 -21.27 -15.51 10.08
C ARG B 38 -22.50 -14.96 9.42
N TYR B 39 -22.36 -14.69 8.12
CA TYR B 39 -23.46 -14.20 7.31
C TYR B 39 -24.69 -15.08 7.45
N SER B 40 -24.50 -16.39 7.41
CA SER B 40 -25.65 -17.28 7.46
C SER B 40 -26.37 -17.27 8.82
N ILE B 41 -25.72 -16.79 9.88
CA ILE B 41 -26.40 -16.68 11.18
C ILE B 41 -26.76 -15.27 11.64
N GLU B 42 -26.22 -14.24 10.98
CA GLU B 42 -26.47 -12.87 11.45
C GLU B 42 -27.00 -11.88 10.41
N ALA B 43 -26.82 -12.21 9.14
CA ALA B 43 -27.17 -11.30 8.05
C ALA B 43 -28.66 -11.12 7.88
N LYS B 44 -29.04 -9.92 7.46
CA LYS B 44 -30.41 -9.65 6.99
C LYS B 44 -30.65 -10.40 5.67
N PRO B 45 -31.91 -10.85 5.42
CA PRO B 45 -32.20 -11.55 4.16
C PRO B 45 -31.90 -10.70 2.92
N GLY B 46 -31.03 -11.20 2.04
CA GLY B 46 -30.65 -10.49 0.82
C GLY B 46 -29.56 -9.43 0.97
N GLU B 47 -29.01 -9.29 2.17
CA GLU B 47 -27.99 -8.27 2.47
C GLU B 47 -26.73 -8.47 1.62
N ARG B 48 -26.23 -7.38 1.03
CA ARG B 48 -24.99 -7.44 0.28
C ARG B 48 -23.86 -7.87 1.21
N LEU B 49 -22.94 -8.64 0.67
CA LEU B 49 -21.84 -9.18 1.48
C LEU B 49 -20.97 -8.06 2.06
N MET B 50 -20.59 -7.09 1.22
CA MET B 50 -19.82 -5.94 1.68
C MET B 50 -20.60 -5.11 2.71
N ASP B 51 -21.92 -4.98 2.53
CA ASP B 51 -22.75 -4.28 3.53
C ASP B 51 -22.77 -5.02 4.87
N PHE B 52 -22.84 -6.34 4.83
CA PHE B 52 -22.80 -7.15 6.04
C PHE B 52 -21.43 -7.01 6.73
N ALA B 53 -20.37 -7.01 5.93
CA ALA B 53 -19.02 -6.89 6.42
C ALA B 53 -18.80 -5.57 7.15
N LYS B 54 -19.40 -4.51 6.64
CA LYS B 54 -19.33 -3.21 7.29
C LYS B 54 -20.15 -3.18 8.59
N ARG B 55 -21.27 -3.88 8.60
CA ARG B 55 -22.15 -3.88 9.77
C ARG B 55 -21.56 -4.67 10.92
N LEU B 56 -20.92 -5.80 10.63
CA LEU B 56 -20.17 -6.55 11.65
C LEU B 56 -19.10 -5.69 12.32
N ARG B 57 -18.37 -4.90 11.53
CA ARG B 57 -17.38 -3.99 12.08
C ARG B 57 -18.00 -2.91 12.98
N GLU B 58 -19.18 -2.40 12.62
CA GLU B 58 -19.92 -1.44 13.47
C GLU B 58 -20.29 -2.05 14.81
N ILE B 59 -20.80 -3.28 14.79
CA ILE B 59 -21.28 -3.94 15.99
C ILE B 59 -20.15 -4.43 16.91
N TYR B 60 -19.13 -5.05 16.31
CA TYR B 60 -18.10 -5.75 17.07
C TYR B 60 -16.70 -5.11 17.00
N GLY B 61 -16.59 -4.00 16.29
CA GLY B 61 -15.29 -3.31 16.14
C GLY B 61 -14.53 -3.80 14.91
N ASP B 62 -13.56 -3.00 14.52
CA ASP B 62 -12.82 -3.19 13.27
C ASP B 62 -11.98 -4.46 13.19
N GLY B 63 -11.77 -5.11 14.30
CA GLY B 63 -11.07 -6.36 14.29
C GLY B 63 -11.87 -7.65 14.22
N VAL B 64 -13.18 -7.59 14.10
CA VAL B 64 -13.98 -8.80 14.18
C VAL B 64 -13.60 -9.97 13.32
N VAL B 65 -13.31 -9.73 12.07
CA VAL B 65 -13.11 -10.84 11.20
C VAL B 65 -11.93 -11.64 11.63
N ALA B 66 -10.91 -11.00 12.13
CA ALA B 66 -9.77 -11.68 12.64
C ALA B 66 -10.08 -12.53 13.84
N ARG B 67 -10.84 -12.00 14.75
CA ARG B 67 -11.33 -12.75 15.91
C ARG B 67 -12.13 -13.98 15.48
N LEU B 68 -12.98 -13.78 14.49
CA LEU B 68 -13.79 -14.88 13.98
C LEU B 68 -12.92 -15.96 13.35
N CYS B 69 -11.83 -15.55 12.70
CA CYS B 69 -10.93 -16.47 12.02
C CYS B 69 -10.10 -17.27 13.01
N VAL B 70 -9.74 -16.64 14.12
CA VAL B 70 -9.07 -17.32 15.23
C VAL B 70 -9.98 -18.36 15.91
N GLU B 71 -11.25 -18.00 16.11
CA GLU B 71 -12.23 -18.96 16.67
C GLU B 71 -12.40 -20.13 15.71
N GLU B 72 -12.33 -19.85 14.41
CA GLU B 72 -12.37 -20.88 13.38
C GLU B 72 -11.16 -21.82 13.45
N LEU B 73 -9.99 -21.26 13.72
CA LEU B 73 -8.77 -22.05 13.93
C LEU B 73 -8.93 -23.02 15.11
N GLY B 74 -9.53 -22.52 16.19
CA GLY B 74 -9.65 -23.29 17.43
C GLY B 74 -8.45 -23.01 18.33
N THR B 75 -8.63 -23.28 19.62
CA THR B 75 -7.56 -23.08 20.60
C THR B 75 -6.58 -24.25 20.56
N SER B 76 -7.02 -25.36 19.97
CA SER B 76 -6.28 -26.61 19.98
C SER B 76 -5.24 -26.72 18.87
N ASN B 77 -5.18 -25.71 18.01
CA ASN B 77 -4.28 -25.73 16.85
C ASN B 77 -3.05 -24.84 17.04
N HIS B 78 -1.87 -25.45 16.90
CA HIS B 78 -0.59 -24.76 17.11
C HIS B 78 0.38 -24.80 15.91
N ASP B 79 -0.13 -25.19 14.75
CA ASP B 79 0.66 -25.26 13.52
C ASP B 79 0.71 -23.89 12.82
N LEU B 80 1.65 -23.76 11.87
CA LEU B 80 1.66 -22.66 10.93
C LEU B 80 0.24 -22.45 10.37
N VAL B 81 -0.17 -21.19 10.27
CA VAL B 81 -1.46 -20.85 9.69
C VAL B 81 -1.36 -19.65 8.73
N VAL B 82 -2.16 -19.71 7.66
CA VAL B 82 -2.24 -18.67 6.64
C VAL B 82 -3.66 -18.11 6.67
N PHE B 83 -3.80 -16.80 6.69
CA PHE B 83 -5.08 -16.15 6.59
C PHE B 83 -5.10 -15.36 5.31
N ASP B 84 -5.98 -15.76 4.41
CA ASP B 84 -6.10 -15.14 3.09
C ASP B 84 -7.13 -13.99 3.13
N GLY B 85 -6.66 -12.76 2.97
CA GLY B 85 -7.54 -11.60 2.73
C GLY B 85 -7.64 -10.54 3.83
N VAL B 86 -6.53 -10.20 4.47
CA VAL B 86 -6.54 -9.15 5.51
C VAL B 86 -6.91 -7.77 4.92
N ARG B 87 -7.82 -7.07 5.62
CA ARG B 87 -8.37 -5.82 5.13
C ARG B 87 -7.90 -4.58 5.89
N SER B 88 -7.31 -4.75 7.08
CA SER B 88 -6.95 -3.60 7.90
C SER B 88 -5.92 -3.92 8.95
N LEU B 89 -5.27 -2.85 9.42
CA LEU B 89 -4.30 -2.93 10.51
C LEU B 89 -4.95 -3.34 11.82
N ALA B 90 -6.21 -2.98 12.03
CA ALA B 90 -6.96 -3.47 13.19
C ALA B 90 -7.06 -5.01 13.16
N GLU B 91 -7.20 -5.60 11.98
CA GLU B 91 -7.18 -7.06 11.87
C GLU B 91 -5.80 -7.59 12.23
N VAL B 92 -4.76 -6.97 11.68
CA VAL B 92 -3.38 -7.39 11.96
C VAL B 92 -3.09 -7.40 13.47
N GLU B 93 -3.44 -6.31 14.14
CA GLU B 93 -3.27 -6.20 15.59
C GLU B 93 -4.05 -7.26 16.36
N GLU B 94 -5.24 -7.63 15.89
CA GLU B 94 -6.02 -8.70 16.50
C GLU B 94 -5.35 -10.05 16.32
N PHE B 95 -4.81 -10.32 15.13
CA PHE B 95 -4.04 -11.53 14.92
C PHE B 95 -2.80 -11.59 15.82
N LYS B 96 -2.18 -10.45 16.06
CA LYS B 96 -1.02 -10.38 16.95
C LYS B 96 -1.41 -10.59 18.42
N ARG B 97 -2.48 -9.94 18.86
CA ARG B 97 -2.99 -10.10 20.22
C ARG B 97 -3.39 -11.54 20.54
N LEU B 98 -3.87 -12.27 19.54
CA LEU B 98 -4.42 -13.60 19.76
C LEU B 98 -3.46 -14.73 19.47
N LEU B 99 -2.59 -14.53 18.48
CA LEU B 99 -1.65 -15.56 18.03
C LEU B 99 -0.18 -15.21 18.26
N GLY B 100 0.11 -14.00 18.77
CA GLY B 100 1.49 -13.68 19.16
C GLY B 100 2.27 -12.93 18.10
N ASP B 101 3.60 -13.02 18.15
CA ASP B 101 4.49 -12.11 17.41
C ASP B 101 5.25 -12.72 16.21
N SER B 102 4.90 -13.92 15.77
CA SER B 102 5.49 -14.46 14.54
C SER B 102 4.51 -14.30 13.38
N VAL B 103 4.08 -13.06 13.18
CA VAL B 103 3.06 -12.70 12.22
C VAL B 103 3.69 -11.90 11.07
N TYR B 104 3.53 -12.43 9.86
CA TYR B 104 4.09 -11.86 8.64
C TYR B 104 3.00 -11.37 7.67
N ILE B 105 3.20 -10.17 7.14
CA ILE B 105 2.29 -9.61 6.16
C ILE B 105 2.92 -9.67 4.78
N VAL B 106 2.26 -10.41 3.88
CA VAL B 106 2.63 -10.50 2.50
C VAL B 106 1.53 -9.86 1.66
N ALA B 107 1.89 -8.80 0.92
CA ALA B 107 0.98 -8.18 -0.02
C ALA B 107 1.21 -8.69 -1.44
N VAL B 108 0.13 -9.01 -2.14
CA VAL B 108 0.23 -9.28 -3.57
C VAL B 108 -0.21 -8.00 -4.28
N HIS B 109 0.70 -7.41 -5.04
CA HIS B 109 0.39 -6.22 -5.83
C HIS B 109 0.18 -6.47 -7.33
N SER B 110 -0.88 -5.88 -7.87
CA SER B 110 -1.07 -5.70 -9.32
C SER B 110 -1.60 -4.28 -9.54
N PRO B 111 -1.15 -3.58 -10.61
CA PRO B 111 -1.62 -2.22 -10.84
C PRO B 111 -3.09 -2.21 -11.24
N PRO B 112 -3.82 -1.12 -10.96
CA PRO B 112 -5.29 -1.03 -11.20
C PRO B 112 -5.74 -1.48 -12.60
N LYS B 113 -5.13 -0.93 -13.66
CA LYS B 113 -5.54 -1.28 -15.02
C LYS B 113 -5.35 -2.76 -15.32
N ILE B 114 -4.31 -3.37 -14.76
CA ILE B 114 -4.11 -4.81 -14.95
C ILE B 114 -5.17 -5.64 -14.24
N ARG B 115 -5.49 -5.30 -13.03
CA ARG B 115 -6.47 -6.00 -12.26
C ARG B 115 -7.84 -5.85 -12.85
N TYR B 116 -8.16 -4.67 -13.34
CA TYR B 116 -9.44 -4.47 -14.02
C TYR B 116 -9.52 -5.27 -15.32
N LYS B 117 -8.41 -5.29 -16.05
CA LYS B 117 -8.35 -6.08 -17.29
C LYS B 117 -8.62 -7.55 -17.03
N ARG B 118 -8.10 -8.09 -15.92
CA ARG B 118 -8.32 -9.51 -15.58
C ARG B 118 -9.78 -9.79 -15.24
N MET B 119 -10.37 -8.93 -14.40
CA MET B 119 -11.74 -9.13 -13.93
C MET B 119 -12.80 -9.03 -15.04
N ILE B 120 -12.55 -8.20 -16.05
CA ILE B 120 -13.53 -7.96 -17.13
C ILE B 120 -13.55 -9.12 -18.15
N GLU B 121 -12.42 -9.80 -18.34
CA GLU B 121 -12.33 -10.93 -19.26
C GLU B 121 -12.61 -12.27 -18.57
N GLU B 130 -17.99 -4.50 -15.55
CA GLU B 130 -18.36 -3.09 -15.44
C GLU B 130 -17.31 -2.25 -14.70
N ILE B 131 -16.66 -1.35 -15.44
CA ILE B 131 -15.50 -0.59 -14.96
C ILE B 131 -15.74 0.33 -13.76
N SER B 132 -16.82 1.11 -13.81
CA SER B 132 -17.15 2.04 -12.71
C SER B 132 -17.47 1.30 -11.40
N GLU B 133 -18.12 0.14 -11.53
CA GLU B 133 -18.35 -0.78 -10.41
C GLU B 133 -17.06 -1.28 -9.76
N LEU B 134 -16.09 -1.65 -10.61
CA LEU B 134 -14.81 -2.15 -10.15
C LEU B 134 -14.05 -1.07 -9.37
N ILE B 135 -14.01 0.14 -9.94
CA ILE B 135 -13.42 1.32 -9.29
C ILE B 135 -14.11 1.56 -7.94
N ARG B 136 -15.44 1.48 -7.93
CA ARG B 136 -16.25 1.61 -6.72
C ARG B 136 -15.89 0.57 -5.66
N ARG B 137 -15.73 -0.70 -6.07
CA ARG B 137 -15.36 -1.77 -5.14
C ARG B 137 -13.96 -1.53 -4.54
N ASP B 138 -13.01 -1.11 -5.38
CA ASP B 138 -11.69 -0.70 -4.94
C ASP B 138 -11.79 0.40 -3.84
N ARG B 139 -12.57 1.45 -4.12
CA ARG B 139 -12.80 2.51 -3.12
C ARG B 139 -13.32 1.98 -1.79
N GLU B 140 -14.26 1.03 -1.80
CA GLU B 140 -14.75 0.38 -0.58
C GLU B 140 -13.64 -0.40 0.14
N GLU B 141 -12.79 -1.10 -0.62
CA GLU B 141 -11.70 -1.88 -0.01
C GLU B 141 -10.65 -0.97 0.65
N LEU B 142 -10.30 0.11 -0.04
CA LEU B 142 -9.46 1.14 0.55
C LEU B 142 -10.02 1.75 1.82
N LYS B 143 -11.33 2.01 1.86
CA LYS B 143 -11.93 2.59 3.08
C LYS B 143 -11.89 1.61 4.27
N LEU B 144 -11.89 0.31 4.01
CA LEU B 144 -11.72 -0.70 5.06
C LEU B 144 -10.32 -0.64 5.69
N GLY B 145 -9.32 -0.27 4.89
CA GLY B 145 -7.99 0.04 5.39
C GLY B 145 -6.89 -0.78 4.74
N ILE B 146 -7.22 -1.39 3.61
CA ILE B 146 -6.34 -2.35 2.95
CA ILE B 146 -6.34 -2.35 2.96
C ILE B 146 -5.01 -1.74 2.50
N GLY B 147 -5.02 -0.46 2.12
CA GLY B 147 -3.82 0.23 1.67
C GLY B 147 -2.79 0.39 2.76
N GLU B 148 -3.25 0.54 3.99
CA GLU B 148 -2.34 0.65 5.14
C GLU B 148 -1.66 -0.68 5.45
N VAL B 149 -2.37 -1.79 5.22
CA VAL B 149 -1.78 -3.12 5.44
C VAL B 149 -0.69 -3.31 4.41
N ILE B 150 -0.99 -2.98 3.16
CA ILE B 150 0.01 -3.07 2.11
C ILE B 150 1.22 -2.19 2.38
N ALA B 151 0.98 -0.95 2.82
CA ALA B 151 2.06 0.01 3.05
C ALA B 151 3.00 -0.46 4.15
N MET B 152 2.50 -1.35 5.02
CA MET B 152 3.23 -1.82 6.21
C MET B 152 3.67 -3.27 6.09
N ALA B 153 3.54 -3.83 4.88
CA ALA B 153 3.86 -5.24 4.62
C ALA B 153 5.33 -5.57 4.84
N ASP B 154 5.59 -6.82 5.25
CA ASP B 154 6.93 -7.35 5.31
C ASP B 154 7.48 -7.68 3.93
N TYR B 155 6.60 -8.12 3.03
CA TYR B 155 6.94 -8.48 1.66
C TYR B 155 5.82 -8.04 0.73
N ILE B 156 6.18 -7.42 -0.38
CA ILE B 156 5.24 -7.17 -1.46
C ILE B 156 5.70 -7.96 -2.67
N ILE B 157 4.80 -8.81 -3.16
CA ILE B 157 5.03 -9.60 -4.37
C ILE B 157 4.24 -8.95 -5.49
N THR B 158 4.92 -8.56 -6.57
CA THR B 158 4.18 -8.07 -7.74
C THR B 158 3.83 -9.14 -8.78
N ASN B 159 2.54 -9.16 -9.12
CA ASN B 159 1.98 -10.07 -10.10
C ASN B 159 1.57 -9.22 -11.32
N ASP B 160 2.49 -9.03 -12.26
CA ASP B 160 2.18 -8.18 -13.42
C ASP B 160 2.74 -8.69 -14.75
N SER B 161 3.36 -9.87 -14.71
CA SER B 161 3.89 -10.53 -15.91
C SER B 161 3.07 -11.80 -16.15
N ASN B 162 3.74 -12.95 -16.16
CA ASN B 162 3.05 -14.24 -16.27
C ASN B 162 3.02 -15.00 -14.94
N TYR B 163 2.28 -16.10 -14.94
CA TYR B 163 2.11 -16.97 -13.78
C TYR B 163 3.42 -17.57 -13.22
N GLU B 164 4.34 -17.96 -14.09
CA GLU B 164 5.59 -18.62 -13.68
C GLU B 164 6.53 -17.70 -12.87
N GLU B 165 6.76 -16.48 -13.38
CA GLU B 165 7.53 -15.48 -12.64
C GLU B 165 6.85 -15.14 -11.30
N PHE B 166 5.52 -15.06 -11.31
CA PHE B 166 4.76 -14.80 -10.09
C PHE B 166 4.94 -15.93 -9.08
N LYS B 167 4.88 -17.16 -9.57
CA LYS B 167 5.12 -18.35 -8.77
C LYS B 167 6.52 -18.37 -8.17
N ARG B 168 7.54 -18.04 -8.96
CA ARG B 168 8.94 -18.01 -8.46
C ARG B 168 9.12 -16.94 -7.39
N ARG B 169 8.50 -15.77 -7.60
CA ARG B 169 8.49 -14.70 -6.59
C ARG B 169 7.80 -15.10 -5.29
N CYS B 170 6.66 -15.78 -5.40
CA CYS B 170 5.98 -16.37 -4.23
C CYS B 170 6.83 -17.40 -3.49
N GLU B 171 7.54 -18.26 -4.23
CA GLU B 171 8.39 -19.29 -3.62
C GLU B 171 9.53 -18.67 -2.81
N GLU B 172 10.19 -17.67 -3.39
CA GLU B 172 11.27 -16.94 -2.71
C GLU B 172 10.83 -16.30 -1.39
N VAL B 173 9.67 -15.64 -1.39
CA VAL B 173 9.14 -15.04 -0.17
C VAL B 173 8.82 -16.10 0.89
N THR B 174 8.13 -17.17 0.49
CA THR B 174 7.78 -18.26 1.40
C THR B 174 9.00 -18.95 1.99
N ASP B 175 10.07 -19.09 1.21
CA ASP B 175 11.35 -19.57 1.74
C ASP B 175 11.89 -18.66 2.86
N ARG B 176 11.78 -17.35 2.68
CA ARG B 176 12.28 -16.39 3.66
C ARG B 176 11.47 -16.44 4.94
N VAL B 177 10.18 -16.70 4.80
CA VAL B 177 9.27 -16.74 5.93
C VAL B 177 9.40 -18.05 6.73
N LEU B 178 9.78 -19.14 6.07
CA LEU B 178 9.72 -20.47 6.69
C LEU B 178 10.91 -20.82 7.61
#